data_4LYE
#
_entry.id   4LYE
#
_cell.length_a   65.715
_cell.length_b   65.715
_cell.length_c   339.252
_cell.angle_alpha   90.000
_cell.angle_beta   90.000
_cell.angle_gamma   120.000
#
_symmetry.space_group_name_H-M   'P 65 2 2'
#
loop_
_entity.id
_entity.type
_entity.pdbx_description
1 polymer 'MCP Hydrolase'
2 non-polymer (3E)-2,6-DIOXO-6-PHENYLHEX-3-ENOATE
3 water water
#
_entity_poly.entity_id   1
_entity_poly.type   'polypeptide(L)'
_entity_poly.pdbx_seq_one_letter_code
;MFEQFESKFIDCDGIRTHYIEMGEGDPLVLVHGGGAGADGRSNFADNFPIFARHMRVIAYDMVGFGQTDAPDPAGFAYTQ
AARTDHLISFIKALGLSKICLIGNAMGGTTACGAALKAPELIDRLVLMGAAVNISPDDMVANRDDLAAVMSYDGSEEGMR
KIIAALTHSYQPTDDIVHYRHEASLRPTTTAAYKATMGWAKQNGLYYSPEQLASLTMPVLVLGGKNDVMVPVRKVIDQIL
AIPQAIGHVFPNCGHWVMIEYPEEFCTQTLHFFGKLD
;
_entity_poly.pdbx_strand_id   A
#
loop_
_chem_comp.id
_chem_comp.type
_chem_comp.name
_chem_comp.formula
HPK non-polymer (3E)-2,6-DIOXO-6-PHENYLHEX-3-ENOATE 'C12 H9 O4 -1'
#
# COMPACT_ATOMS: atom_id res chain seq x y z
N MET A 1 -0.30 2.31 -20.29
CA MET A 1 -1.26 3.00 -19.40
C MET A 1 -0.52 3.86 -18.40
N PHE A 2 -1.22 4.88 -17.89
CA PHE A 2 -0.72 5.73 -16.81
C PHE A 2 0.37 6.66 -17.22
N GLU A 3 0.52 6.87 -18.53
CA GLU A 3 1.60 7.76 -19.04
C GLU A 3 1.33 9.24 -18.82
N GLN A 4 0.13 9.56 -18.34
CA GLN A 4 -0.18 10.94 -17.92
C GLN A 4 0.70 11.41 -16.78
N PHE A 5 1.35 10.49 -16.08
CA PHE A 5 2.34 10.87 -15.06
C PHE A 5 3.74 10.65 -15.60
N GLU A 6 4.67 11.48 -15.18
CA GLU A 6 6.05 11.32 -15.61
C GLU A 6 6.77 10.32 -14.71
N SER A 7 7.19 9.19 -15.26
CA SER A 7 8.06 8.25 -14.57
C SER A 7 9.37 8.91 -14.22
N LYS A 8 9.79 8.75 -12.98
CA LYS A 8 11.07 9.25 -12.50
C LYS A 8 11.71 8.11 -11.70
N PHE A 9 13.00 8.25 -11.42
CA PHE A 9 13.77 7.17 -10.84
C PHE A 9 14.82 7.75 -9.95
N ILE A 10 15.09 7.05 -8.86
CA ILE A 10 16.11 7.51 -7.92
C ILE A 10 16.71 6.33 -7.18
N ASP A 11 17.99 6.46 -6.82
CA ASP A 11 18.68 5.37 -6.15
C ASP A 11 18.48 5.40 -4.63
N CYS A 12 17.98 4.30 -4.11
CA CYS A 12 17.72 4.13 -2.69
C CYS A 12 18.60 2.99 -2.18
N ASP A 13 19.73 3.36 -1.58
CA ASP A 13 20.83 2.43 -1.21
C ASP A 13 20.98 1.27 -2.16
N GLY A 14 21.23 1.59 -3.43
CA GLY A 14 21.42 0.56 -4.45
C GLY A 14 20.16 -0.02 -5.06
N ILE A 15 19.00 0.35 -4.52
CA ILE A 15 17.75 -0.06 -5.15
C ILE A 15 17.26 1.09 -6.01
N ARG A 16 17.10 0.80 -7.30
CA ARG A 16 16.65 1.79 -8.24
C ARG A 16 15.14 1.79 -8.18
N THR A 17 14.61 2.96 -7.84
CA THR A 17 13.23 3.12 -7.41
C THR A 17 12.46 4.05 -8.35
N HIS A 18 11.42 3.48 -8.97
CA HIS A 18 10.44 4.24 -9.72
C HIS A 18 9.45 4.98 -8.84
N TYR A 19 9.15 6.22 -9.23
CA TYR A 19 8.08 6.98 -8.60
C TYR A 19 7.49 8.01 -9.57
N ILE A 20 6.29 8.48 -9.25
CA ILE A 20 5.66 9.60 -9.95
C ILE A 20 5.35 10.67 -8.92
N GLU A 21 5.21 11.91 -9.40
CA GLU A 21 4.81 12.99 -8.54
C GLU A 21 4.06 14.08 -9.29
N MET A 22 3.36 14.90 -8.53
CA MET A 22 2.48 15.92 -9.08
C MET A 22 2.14 16.92 -7.99
N GLY A 23 1.88 18.16 -8.38
CA GLY A 23 1.45 19.20 -7.47
C GLY A 23 2.57 19.80 -6.66
N GLU A 24 2.22 20.75 -5.80
CA GLU A 24 3.17 21.53 -5.01
C GLU A 24 2.69 21.70 -3.58
N GLY A 25 3.63 21.97 -2.68
CA GLY A 25 3.33 22.13 -1.29
C GLY A 25 3.99 21.06 -0.46
N ASP A 26 3.34 20.70 0.64
CA ASP A 26 3.93 19.75 1.54
C ASP A 26 3.90 18.35 0.93
N PRO A 27 4.89 17.52 1.29
CA PRO A 27 4.99 16.23 0.67
C PRO A 27 3.99 15.24 1.25
N LEU A 28 3.41 14.44 0.36
CA LEU A 28 2.50 13.39 0.68
C LEU A 28 2.97 12.17 -0.11
N VAL A 29 3.31 11.08 0.60
CA VAL A 29 3.78 9.83 -0.05
C VAL A 29 2.73 8.75 0.08
N LEU A 30 2.39 8.15 -1.04
CA LEU A 30 1.45 7.06 -1.07
C LEU A 30 2.16 5.71 -1.34
N VAL A 31 1.79 4.69 -0.56
CA VAL A 31 2.37 3.37 -0.68
C VAL A 31 1.31 2.36 -1.10
N HIS A 32 1.49 1.78 -2.29
CA HIS A 32 0.52 0.89 -2.87
C HIS A 32 0.40 -0.50 -2.19
N GLY A 33 -0.67 -1.20 -2.55
CA GLY A 33 -0.97 -2.57 -2.15
C GLY A 33 0.05 -3.60 -2.65
N GLY A 34 0.02 -4.77 -2.05
CA GLY A 34 1.05 -5.78 -2.30
C GLY A 34 0.61 -6.96 -3.16
N GLY A 35 -0.57 -6.90 -3.75
CA GLY A 35 -1.03 -7.92 -4.67
C GLY A 35 -0.32 -7.88 -6.01
N ALA A 36 -0.57 -8.90 -6.82
CA ALA A 36 0.20 -9.13 -8.03
C ALA A 36 -0.11 -8.03 -9.06
N GLY A 37 0.94 -7.39 -9.54
CA GLY A 37 0.83 -6.38 -10.58
C GLY A 37 0.67 -4.97 -10.04
N ALA A 38 0.55 -4.82 -8.74
CA ALA A 38 0.26 -3.53 -8.14
C ALA A 38 1.46 -2.62 -8.27
N ASP A 39 1.18 -1.32 -8.41
CA ASP A 39 2.21 -0.33 -8.33
C ASP A 39 1.57 1.00 -7.93
N GLY A 40 2.39 2.04 -7.75
CA GLY A 40 1.89 3.38 -7.41
C GLY A 40 0.91 3.98 -8.41
N ARG A 41 1.30 4.05 -9.67
CA ARG A 41 0.44 4.55 -10.75
C ARG A 41 -0.94 3.96 -10.72
N SER A 42 -1.03 2.63 -10.78
CA SER A 42 -2.33 1.98 -10.96
C SER A 42 -3.23 2.07 -9.69
N ASN A 43 -2.60 2.11 -8.51
CA ASN A 43 -3.33 2.18 -7.23
C ASN A 43 -3.95 3.56 -7.03
N PHE A 44 -3.17 4.59 -7.32
CA PHE A 44 -3.48 5.96 -6.96
C PHE A 44 -3.73 6.95 -8.12
N ALA A 45 -3.93 6.46 -9.34
CA ALA A 45 -4.14 7.33 -10.51
C ALA A 45 -5.34 8.25 -10.31
N ASP A 46 -6.42 7.71 -9.73
CA ASP A 46 -7.67 8.45 -9.54
C ASP A 46 -7.59 9.44 -8.43
N ASN A 47 -6.69 9.23 -7.50
CA ASN A 47 -6.52 10.15 -6.37
C ASN A 47 -5.52 11.23 -6.61
N PHE A 48 -4.57 10.95 -7.50
CA PHE A 48 -3.41 11.84 -7.72
C PHE A 48 -3.77 13.30 -8.08
N PRO A 49 -4.66 13.50 -9.07
CA PRO A 49 -5.06 14.88 -9.44
C PRO A 49 -5.72 15.63 -8.28
N ILE A 50 -6.53 14.93 -7.50
CA ILE A 50 -7.22 15.59 -6.39
C ILE A 50 -6.23 15.98 -5.33
N PHE A 51 -5.31 15.09 -4.99
CA PHE A 51 -4.29 15.40 -4.00
C PHE A 51 -3.36 16.51 -4.50
N ALA A 52 -3.10 16.50 -5.80
CA ALA A 52 -2.13 17.45 -6.39
C ALA A 52 -2.59 18.92 -6.28
N ARG A 53 -3.90 19.13 -6.19
CA ARG A 53 -4.43 20.47 -6.06
C ARG A 53 -4.04 21.11 -4.73
N HIS A 54 -3.55 20.31 -3.77
CA HIS A 54 -3.25 20.83 -2.41
C HIS A 54 -1.88 20.44 -1.88
N MET A 55 -1.30 19.37 -2.42
CA MET A 55 -0.04 18.87 -1.87
C MET A 55 0.87 18.44 -2.99
N ARG A 56 2.15 18.26 -2.65
CA ARG A 56 3.05 17.57 -3.54
C ARG A 56 2.90 16.08 -3.28
N VAL A 57 2.17 15.41 -4.16
CA VAL A 57 1.85 14.00 -3.96
C VAL A 57 2.82 13.10 -4.72
N ILE A 58 3.14 11.95 -4.12
CA ILE A 58 4.21 11.06 -4.57
C ILE A 58 3.82 9.61 -4.35
N ALA A 59 3.89 8.81 -5.38
CA ALA A 59 3.63 7.40 -5.30
C ALA A 59 4.84 6.65 -5.84
N TYR A 60 5.46 5.82 -4.99
CA TYR A 60 6.62 5.04 -5.40
C TYR A 60 6.27 3.54 -5.53
N ASP A 61 7.07 2.81 -6.30
CA ASP A 61 6.93 1.37 -6.41
C ASP A 61 7.82 0.66 -5.37
N MET A 62 7.22 -0.21 -4.58
CA MET A 62 7.91 -0.90 -3.50
C MET A 62 8.93 -1.85 -4.14
N VAL A 63 10.03 -2.09 -3.44
CA VAL A 63 11.01 -3.10 -3.89
C VAL A 63 10.30 -4.41 -4.21
N GLY A 64 10.56 -4.92 -5.40
CA GLY A 64 9.91 -6.16 -5.90
C GLY A 64 8.68 -5.88 -6.74
N PHE A 65 8.33 -4.59 -6.85
CA PHE A 65 7.08 -4.24 -7.52
C PHE A 65 7.26 -3.23 -8.64
N GLY A 66 6.37 -3.29 -9.62
CA GLY A 66 6.26 -2.22 -10.61
C GLY A 66 7.55 -2.05 -11.42
N GLN A 67 8.06 -0.85 -11.43
CA GLN A 67 9.23 -0.54 -12.23
C GLN A 67 10.42 -0.33 -11.31
N THR A 68 10.24 -0.57 -10.02
CA THR A 68 11.36 -0.51 -9.09
C THR A 68 12.13 -1.84 -9.28
N ASP A 69 13.42 -1.81 -8.95
CA ASP A 69 14.23 -3.05 -9.01
C ASP A 69 13.58 -4.15 -8.21
N ALA A 70 13.63 -5.35 -8.78
CA ALA A 70 13.20 -6.56 -8.14
C ALA A 70 14.42 -7.48 -8.00
N PRO A 71 15.29 -7.24 -6.99
CA PRO A 71 16.49 -8.09 -6.88
C PRO A 71 16.21 -9.57 -6.81
N ASP A 72 17.05 -10.34 -7.48
CA ASP A 72 16.89 -11.79 -7.56
C ASP A 72 16.66 -12.34 -6.13
N PRO A 73 15.52 -13.04 -5.89
CA PRO A 73 15.31 -13.62 -4.57
C PRO A 73 16.21 -14.86 -4.22
N ALA A 74 17.06 -15.30 -5.16
CA ALA A 74 18.15 -16.22 -4.84
C ALA A 74 19.10 -15.57 -3.87
N GLY A 75 19.25 -14.25 -3.95
CA GLY A 75 20.17 -13.50 -3.09
C GLY A 75 19.59 -12.38 -2.24
N PHE A 76 18.30 -12.10 -2.38
CA PHE A 76 17.64 -11.00 -1.66
C PHE A 76 16.42 -11.60 -0.93
N ALA A 77 16.34 -11.38 0.37
CA ALA A 77 15.18 -11.82 1.14
C ALA A 77 14.08 -10.75 1.13
N TYR A 78 12.88 -11.17 0.75
CA TYR A 78 11.73 -10.24 0.66
C TYR A 78 10.95 -10.18 1.97
N THR A 79 11.53 -9.46 2.92
CA THR A 79 10.97 -9.33 4.23
C THR A 79 10.31 -7.96 4.41
N GLN A 80 9.48 -7.87 5.43
CA GLN A 80 8.88 -6.60 5.73
C GLN A 80 9.95 -5.58 5.97
N ALA A 81 10.97 -5.96 6.71
CA ALA A 81 12.03 -5.00 7.06
C ALA A 81 12.71 -4.42 5.83
N ALA A 82 12.73 -5.21 4.75
CA ALA A 82 13.35 -4.77 3.50
C ALA A 82 12.47 -3.72 2.83
N ARG A 83 11.17 -3.97 2.78
CA ARG A 83 10.21 -2.92 2.35
C ARG A 83 10.33 -1.67 3.22
N THR A 84 10.22 -1.89 4.50
CA THR A 84 10.33 -0.79 5.46
C THR A 84 11.60 0.02 5.27
N ASP A 85 12.74 -0.65 5.17
CA ASP A 85 14.00 0.08 4.98
C ASP A 85 14.05 0.77 3.62
N HIS A 86 13.52 0.11 2.60
CA HIS A 86 13.40 0.74 1.29
C HIS A 86 12.64 2.07 1.35
N LEU A 87 11.50 2.09 2.05
CA LEU A 87 10.70 3.29 2.14
C LEU A 87 11.44 4.36 2.85
N ILE A 88 12.08 4.00 3.95
CA ILE A 88 12.83 5.00 4.70
C ILE A 88 13.92 5.60 3.81
N SER A 89 14.57 4.75 3.04
CA SER A 89 15.64 5.18 2.14
C SER A 89 15.10 6.14 1.05
N PHE A 90 13.98 5.76 0.47
CA PHE A 90 13.30 6.61 -0.50
C PHE A 90 13.01 8.01 0.03
N ILE A 91 12.56 8.10 1.26
CA ILE A 91 12.14 9.39 1.78
C ILE A 91 13.36 10.30 1.90
N LYS A 92 14.46 9.68 2.35
CA LYS A 92 15.73 10.38 2.54
C LYS A 92 16.36 10.74 1.20
N ALA A 93 16.37 9.79 0.28
CA ALA A 93 16.90 10.06 -1.05
C ALA A 93 16.28 11.35 -1.63
N LEU A 94 14.96 11.53 -1.44
CA LEU A 94 14.27 12.71 -1.97
C LEU A 94 14.45 13.99 -1.16
N GLY A 95 15.11 13.91 -0.01
CA GLY A 95 15.29 15.05 0.86
C GLY A 95 14.03 15.57 1.55
N LEU A 96 13.02 14.69 1.69
CA LEU A 96 11.70 15.08 2.22
C LEU A 96 11.73 15.02 3.71
N SER A 97 11.10 15.97 4.38
CA SER A 97 10.88 15.81 5.82
C SER A 97 9.42 16.07 6.19
N LYS A 98 9.03 15.59 7.36
CA LYS A 98 7.70 15.87 7.87
C LYS A 98 6.65 15.58 6.80
N ILE A 99 6.64 14.34 6.35
CA ILE A 99 5.67 13.94 5.35
C ILE A 99 4.34 13.47 5.93
N CYS A 100 3.34 13.49 5.05
CA CYS A 100 2.12 12.78 5.27
C CYS A 100 2.30 11.51 4.50
N LEU A 101 1.82 10.40 5.02
CA LEU A 101 2.05 9.10 4.42
C LEU A 101 0.80 8.23 4.47
N ILE A 102 0.46 7.61 3.35
CA ILE A 102 -0.70 6.72 3.27
C ILE A 102 -0.28 5.38 2.70
N GLY A 103 -0.65 4.30 3.39
CA GLY A 103 -0.32 2.95 2.97
C GLY A 103 -1.51 2.05 2.86
N ASN A 104 -1.61 1.38 1.72
CA ASN A 104 -2.62 0.39 1.44
C ASN A 104 -2.07 -1.04 1.70
N ALA A 105 -2.75 -1.80 2.57
CA ALA A 105 -2.42 -3.23 2.83
C ALA A 105 -0.93 -3.43 3.16
N MET A 106 -0.21 -4.25 2.39
CA MET A 106 1.25 -4.34 2.53
C MET A 106 1.96 -3.00 2.48
N GLY A 107 1.41 -2.07 1.70
CA GLY A 107 1.97 -0.71 1.69
C GLY A 107 1.73 -0.05 3.03
N GLY A 108 0.64 -0.47 3.68
CA GLY A 108 0.36 -0.11 5.05
C GLY A 108 1.27 -0.73 6.09
N THR A 109 1.58 -2.02 5.97
CA THR A 109 2.64 -2.61 6.78
C THR A 109 3.90 -1.74 6.69
N THR A 110 4.23 -1.34 5.46
CA THR A 110 5.49 -0.62 5.21
C THR A 110 5.45 0.77 5.76
N ALA A 111 4.33 1.46 5.57
CA ALA A 111 4.18 2.82 6.10
C ALA A 111 4.21 2.81 7.62
N CYS A 112 3.54 1.82 8.21
CA CYS A 112 3.58 1.67 9.68
C CYS A 112 5.00 1.43 10.17
N GLY A 113 5.64 0.45 9.55
CA GLY A 113 7.03 0.13 9.89
C GLY A 113 7.94 1.32 9.85
N ALA A 114 7.81 2.13 8.81
CA ALA A 114 8.65 3.31 8.69
C ALA A 114 8.31 4.37 9.72
N ALA A 115 7.03 4.45 10.09
CA ALA A 115 6.56 5.35 11.16
C ALA A 115 7.07 4.92 12.55
N LEU A 116 7.11 3.62 12.79
CA LEU A 116 7.75 3.07 14.01
C LEU A 116 9.24 3.35 14.03
N LYS A 117 9.92 3.06 12.92
CA LYS A 117 11.40 3.09 12.84
C LYS A 117 12.00 4.48 12.65
N ALA A 118 11.35 5.34 11.87
CA ALA A 118 11.92 6.66 11.57
C ALA A 118 10.84 7.72 11.65
N PRO A 119 10.28 7.88 12.85
CA PRO A 119 9.12 8.74 13.04
C PRO A 119 9.40 10.22 12.77
N GLU A 120 10.65 10.61 12.90
CA GLU A 120 11.08 11.98 12.64
C GLU A 120 10.79 12.45 11.20
N LEU A 121 10.61 11.50 10.29
CA LEU A 121 10.33 11.84 8.88
C LEU A 121 8.87 12.09 8.61
N ILE A 122 8.01 11.57 9.51
CA ILE A 122 6.58 11.41 9.27
C ILE A 122 5.74 12.19 10.28
N ASP A 123 5.03 13.19 9.81
CA ASP A 123 4.14 14.00 10.64
C ASP A 123 2.78 13.41 10.84
N ARG A 124 2.27 12.71 9.82
CA ARG A 124 0.93 12.10 9.89
C ARG A 124 0.84 10.82 9.11
N LEU A 125 0.13 9.84 9.67
CA LEU A 125 0.03 8.51 9.07
C LEU A 125 -1.37 8.06 8.76
N VAL A 126 -1.57 7.47 7.60
CA VAL A 126 -2.86 6.92 7.25
C VAL A 126 -2.72 5.47 6.89
N LEU A 127 -3.53 4.65 7.52
CA LEU A 127 -3.52 3.22 7.29
C LEU A 127 -4.81 2.83 6.66
N MET A 128 -4.77 2.40 5.42
CA MET A 128 -5.95 2.13 4.64
C MET A 128 -6.02 0.65 4.38
N GLY A 129 -6.88 -0.05 5.11
CA GLY A 129 -6.93 -1.50 5.01
C GLY A 129 -5.51 -2.03 5.15
N ALA A 130 -4.77 -1.52 6.12
CA ALA A 130 -3.38 -1.84 6.29
C ALA A 130 -3.22 -3.23 6.91
N ALA A 131 -2.24 -4.00 6.42
CA ALA A 131 -1.90 -5.29 6.98
C ALA A 131 -0.87 -5.07 8.08
N VAL A 132 -1.36 -4.60 9.22
CA VAL A 132 -0.49 -4.29 10.36
C VAL A 132 -0.76 -5.16 11.60
N ASN A 133 -1.73 -6.06 11.54
CA ASN A 133 -2.05 -6.93 12.65
C ASN A 133 -2.53 -8.30 12.15
N ILE A 134 -1.98 -8.75 11.02
CA ILE A 134 -2.36 -10.04 10.40
C ILE A 134 -1.27 -11.10 10.70
N SER A 135 -1.53 -11.95 11.68
CA SER A 135 -0.58 -13.00 12.07
C SER A 135 -0.59 -14.14 11.06
N PRO A 136 0.46 -14.98 11.11
CA PRO A 136 0.45 -16.22 10.31
C PRO A 136 -0.85 -17.04 10.41
N ASP A 137 -1.38 -17.19 11.63
CA ASP A 137 -2.66 -17.88 11.89
C ASP A 137 -3.85 -17.18 11.23
N ASP A 138 -3.88 -15.84 11.33
CA ASP A 138 -4.92 -15.06 10.63
C ASP A 138 -4.89 -15.33 9.12
N MET A 139 -3.68 -15.40 8.55
CA MET A 139 -3.52 -15.76 7.11
C MET A 139 -4.17 -17.09 6.80
N VAL A 140 -3.85 -18.08 7.64
CA VAL A 140 -4.40 -19.43 7.46
C VAL A 140 -5.90 -19.35 7.65
N ALA A 141 -6.32 -18.62 8.68
CA ALA A 141 -7.76 -18.49 9.00
C ALA A 141 -8.55 -17.84 7.87
N ASN A 142 -7.93 -16.87 7.18
CA ASN A 142 -8.57 -16.23 6.01
C ASN A 142 -8.02 -16.78 4.68
N ARG A 143 -7.61 -18.06 4.65
CA ARG A 143 -6.89 -18.60 3.49
C ARG A 143 -7.74 -18.59 2.23
N ASP A 144 -9.01 -18.89 2.37
CA ASP A 144 -9.91 -18.96 1.25
C ASP A 144 -9.99 -17.62 0.46
N ASP A 145 -10.26 -16.51 1.14
CA ASP A 145 -10.36 -15.18 0.45
C ASP A 145 -8.99 -14.63 0.05
N LEU A 146 -7.93 -15.05 0.75
CA LEU A 146 -6.58 -14.61 0.40
C LEU A 146 -5.95 -15.39 -0.78
N ALA A 147 -6.58 -16.49 -1.21
CA ALA A 147 -5.95 -17.37 -2.19
C ALA A 147 -5.69 -16.67 -3.51
N ALA A 148 -6.64 -15.84 -3.94
CA ALA A 148 -6.58 -15.22 -5.27
C ALA A 148 -5.28 -14.48 -5.44
N VAL A 149 -4.89 -13.80 -4.37
CA VAL A 149 -3.64 -13.02 -4.30
C VAL A 149 -2.41 -13.86 -3.90
N MET A 150 -2.58 -14.73 -2.90
CA MET A 150 -1.48 -15.56 -2.35
C MET A 150 -0.99 -16.65 -3.27
N SER A 151 -1.89 -17.32 -3.97
CA SER A 151 -1.50 -18.36 -4.89
C SER A 151 -1.90 -17.98 -6.34
N TYR A 152 -1.54 -16.77 -6.74
CA TYR A 152 -1.86 -16.24 -8.08
C TYR A 152 -1.23 -17.09 -9.17
N ASP A 153 -2.07 -17.72 -10.01
CA ASP A 153 -1.59 -18.61 -11.10
C ASP A 153 -0.84 -17.93 -12.26
N GLY A 154 -1.04 -16.64 -12.47
CA GLY A 154 -0.42 -15.90 -13.57
C GLY A 154 -1.35 -15.66 -14.75
N SER A 155 -2.60 -16.12 -14.67
CA SER A 155 -3.56 -16.01 -15.78
C SER A 155 -4.36 -14.72 -15.67
N GLU A 156 -5.02 -14.37 -16.79
CA GLU A 156 -5.89 -13.21 -16.83
C GLU A 156 -7.05 -13.41 -15.88
N GLU A 157 -7.61 -14.61 -15.88
CA GLU A 157 -8.73 -14.91 -14.96
C GLU A 157 -8.28 -14.75 -13.51
N GLY A 158 -7.09 -15.25 -13.20
CA GLY A 158 -6.44 -15.01 -11.92
C GLY A 158 -6.39 -13.53 -11.52
N MET A 159 -6.17 -12.63 -12.47
CA MET A 159 -6.06 -11.23 -12.13
C MET A 159 -7.44 -10.63 -11.89
N ARG A 160 -8.41 -11.02 -12.71
CA ARG A 160 -9.82 -10.66 -12.49
C ARG A 160 -10.33 -11.15 -11.14
N LYS A 161 -9.87 -12.33 -10.74
CA LYS A 161 -10.15 -12.86 -9.41
C LYS A 161 -9.57 -11.99 -8.34
N ILE A 162 -8.31 -11.56 -8.51
CA ILE A 162 -7.65 -10.66 -7.54
C ILE A 162 -8.44 -9.36 -7.35
N ILE A 163 -8.94 -8.78 -8.44
CA ILE A 163 -9.64 -7.52 -8.36
C ILE A 163 -11.07 -7.69 -7.83
N ALA A 164 -11.75 -8.76 -8.20
CA ALA A 164 -13.07 -9.04 -7.64
C ALA A 164 -12.97 -9.13 -6.11
N ALA A 165 -11.87 -9.68 -5.62
CA ALA A 165 -11.72 -9.85 -4.19
C ALA A 165 -11.24 -8.56 -3.50
N LEU A 166 -10.65 -7.63 -4.25
CA LEU A 166 -10.25 -6.34 -3.71
C LEU A 166 -11.42 -5.31 -3.64
N THR A 167 -12.60 -5.68 -4.15
CA THR A 167 -13.70 -4.74 -4.38
C THR A 167 -15.08 -5.31 -4.10
N HIS A 168 -16.01 -4.41 -3.83
CA HIS A 168 -17.36 -4.80 -3.46
C HIS A 168 -18.34 -4.42 -4.56
N SER A 169 -18.32 -3.18 -5.02
CA SER A 169 -19.12 -2.86 -6.22
C SER A 169 -18.31 -1.94 -7.11
N TYR A 170 -17.36 -2.56 -7.77
CA TYR A 170 -16.51 -1.89 -8.71
C TYR A 170 -16.23 -2.90 -9.80
N GLN A 171 -16.49 -2.49 -11.02
CA GLN A 171 -16.11 -3.24 -12.19
C GLN A 171 -14.89 -2.53 -12.78
N PRO A 172 -13.73 -3.19 -12.77
CA PRO A 172 -12.58 -2.56 -13.38
C PRO A 172 -12.72 -2.62 -14.89
N THR A 173 -12.08 -1.69 -15.58
CA THR A 173 -12.03 -1.74 -17.04
C THR A 173 -11.09 -2.83 -17.49
N ASP A 174 -11.29 -3.31 -18.71
CA ASP A 174 -10.34 -4.24 -19.35
C ASP A 174 -8.95 -3.71 -19.28
N ASP A 175 -8.80 -2.40 -19.43
CA ASP A 175 -7.46 -1.79 -19.45
C ASP A 175 -6.73 -1.94 -18.11
N ILE A 176 -7.48 -1.74 -17.02
CA ILE A 176 -6.92 -1.91 -15.67
C ILE A 176 -6.43 -3.36 -15.47
N VAL A 177 -7.26 -4.32 -15.84
CA VAL A 177 -6.95 -5.74 -15.70
C VAL A 177 -5.73 -6.13 -16.52
N HIS A 178 -5.75 -5.76 -17.80
CA HIS A 178 -4.66 -6.03 -18.71
C HIS A 178 -3.36 -5.42 -18.17
N TYR A 179 -3.42 -4.19 -17.67
CA TYR A 179 -2.22 -3.56 -17.15
C TYR A 179 -1.55 -4.34 -16.00
N ARG A 180 -2.38 -4.76 -15.05
CA ARG A 180 -1.86 -5.49 -13.88
C ARG A 180 -1.43 -6.90 -14.26
N HIS A 181 -2.21 -7.57 -15.14
CA HIS A 181 -1.81 -8.86 -15.67
C HIS A 181 -0.45 -8.78 -16.34
N GLU A 182 -0.31 -7.91 -17.33
CA GLU A 182 0.97 -7.80 -18.03
C GLU A 182 2.10 -7.45 -17.06
N ALA A 183 1.88 -6.49 -16.16
CA ALA A 183 2.90 -6.15 -15.17
C ALA A 183 3.30 -7.38 -14.35
N SER A 184 2.30 -8.15 -13.91
CA SER A 184 2.56 -9.34 -13.08
C SER A 184 3.51 -10.38 -13.74
N LEU A 185 3.52 -10.38 -15.07
CA LEU A 185 4.17 -11.41 -15.87
C LEU A 185 5.66 -11.22 -16.13
N ARG A 186 6.22 -10.04 -15.89
CA ARG A 186 7.66 -9.86 -16.01
C ARG A 186 8.34 -10.88 -15.12
N PRO A 187 9.35 -11.59 -15.65
CA PRO A 187 9.93 -12.69 -14.86
C PRO A 187 10.53 -12.26 -13.52
N THR A 188 11.19 -11.09 -13.46
CA THR A 188 11.76 -10.59 -12.20
C THR A 188 10.72 -10.22 -11.15
N THR A 189 9.58 -9.66 -11.58
CA THR A 189 8.59 -9.26 -10.60
C THR A 189 7.81 -10.48 -10.19
N THR A 190 7.66 -11.46 -11.08
CA THR A 190 6.97 -12.72 -10.72
C THR A 190 7.70 -13.43 -9.58
N ALA A 191 9.00 -13.60 -9.73
CA ALA A 191 9.82 -14.26 -8.73
C ALA A 191 9.86 -13.45 -7.43
N ALA A 192 9.98 -12.12 -7.52
CA ALA A 192 10.00 -11.30 -6.31
C ALA A 192 8.64 -11.34 -5.61
N TYR A 193 7.61 -11.58 -6.39
CA TYR A 193 6.28 -11.63 -5.84
C TYR A 193 6.07 -12.90 -5.10
N LYS A 194 6.54 -14.01 -5.66
CA LYS A 194 6.39 -15.30 -5.01
C LYS A 194 7.12 -15.36 -3.67
N ALA A 195 8.29 -14.73 -3.65
CA ALA A 195 9.08 -14.63 -2.45
C ALA A 195 8.39 -13.76 -1.44
N THR A 196 7.93 -12.60 -1.92
CA THR A 196 7.19 -11.62 -1.11
C THR A 196 6.00 -12.27 -0.37
N MET A 197 5.17 -12.99 -1.11
CA MET A 197 3.99 -13.62 -0.58
C MET A 197 4.30 -14.84 0.24
N GLY A 198 5.27 -15.64 -0.17
CA GLY A 198 5.69 -16.80 0.62
C GLY A 198 6.14 -16.36 2.00
N TRP A 199 6.91 -15.28 2.06
CA TRP A 199 7.34 -14.77 3.36
C TRP A 199 6.19 -14.17 4.16
N ALA A 200 5.25 -13.52 3.46
CA ALA A 200 4.08 -12.94 4.13
C ALA A 200 3.28 -14.08 4.74
N LYS A 201 3.06 -15.13 3.97
CA LYS A 201 2.25 -16.27 4.39
C LYS A 201 2.84 -16.94 5.64
N GLN A 202 4.15 -17.05 5.71
CA GLN A 202 4.83 -17.71 6.82
C GLN A 202 4.98 -16.83 8.06
N ASN A 203 5.31 -15.56 7.86
CA ASN A 203 5.60 -14.64 8.95
C ASN A 203 4.47 -13.66 9.31
N GLY A 204 3.45 -13.58 8.47
CA GLY A 204 2.39 -12.57 8.64
C GLY A 204 2.85 -11.13 8.34
N LEU A 205 1.87 -10.24 8.25
CA LEU A 205 2.11 -8.81 8.11
C LEU A 205 1.57 -8.19 9.38
N TYR A 206 2.45 -7.97 10.34
CA TYR A 206 2.02 -7.94 11.72
C TYR A 206 2.89 -7.04 12.55
N TYR A 207 2.25 -6.26 13.42
CA TYR A 207 2.90 -5.60 14.54
C TYR A 207 2.09 -5.89 15.81
N SER A 208 2.77 -5.85 16.95
CA SER A 208 2.13 -6.19 18.21
C SER A 208 1.28 -5.02 18.67
N PRO A 209 0.20 -5.31 19.42
CA PRO A 209 -0.55 -4.21 20.04
C PRO A 209 0.35 -3.12 20.66
N GLU A 210 1.40 -3.51 21.34
CA GLU A 210 2.27 -2.56 22.02
C GLU A 210 3.02 -1.70 21.01
N GLN A 211 3.39 -2.35 19.90
CA GLN A 211 4.08 -1.64 18.83
C GLN A 211 3.19 -0.56 18.24
N LEU A 212 1.98 -0.95 17.89
CA LEU A 212 0.96 -0.03 17.38
C LEU A 212 0.73 1.15 18.33
N ALA A 213 0.56 0.86 19.62
CA ALA A 213 0.40 1.92 20.64
C ALA A 213 1.58 2.86 20.79
N SER A 214 2.76 2.46 20.33
CA SER A 214 3.95 3.32 20.47
C SER A 214 4.09 4.35 19.33
N LEU A 215 3.24 4.30 18.32
CA LEU A 215 3.36 5.26 17.22
C LEU A 215 3.24 6.65 17.83
N THR A 216 4.09 7.58 17.41
CA THR A 216 4.21 8.87 18.07
C THR A 216 3.49 10.06 17.40
N MET A 217 2.91 9.85 16.22
CA MET A 217 2.29 10.93 15.45
C MET A 217 0.79 10.61 15.24
N PRO A 218 0.00 11.62 14.85
CA PRO A 218 -1.41 11.42 14.52
C PRO A 218 -1.63 10.34 13.47
N VAL A 219 -2.72 9.59 13.61
CA VAL A 219 -3.04 8.47 12.73
C VAL A 219 -4.50 8.45 12.34
N LEU A 220 -4.75 8.18 11.06
CA LEU A 220 -6.08 8.00 10.54
C LEU A 220 -6.16 6.58 10.02
N VAL A 221 -7.09 5.80 10.53
CA VAL A 221 -7.26 4.43 10.11
C VAL A 221 -8.53 4.29 9.32
N LEU A 222 -8.41 3.82 8.09
CA LEU A 222 -9.53 3.72 7.16
C LEU A 222 -9.76 2.29 6.79
N GLY A 223 -11.00 1.94 6.46
CA GLY A 223 -11.28 0.61 6.02
C GLY A 223 -12.63 0.46 5.39
N GLY A 224 -12.72 -0.41 4.39
CA GLY A 224 -13.99 -0.70 3.75
C GLY A 224 -14.65 -1.78 4.56
N LYS A 225 -15.95 -1.63 4.77
CA LYS A 225 -16.66 -2.49 5.68
C LYS A 225 -16.74 -3.91 5.13
N ASN A 226 -16.77 -4.01 3.80
CA ASN A 226 -16.84 -5.31 3.13
C ASN A 226 -15.47 -5.86 2.71
N ASP A 227 -14.38 -5.27 3.20
CA ASP A 227 -13.03 -5.70 2.84
C ASP A 227 -12.87 -7.17 3.23
N VAL A 228 -12.61 -8.05 2.25
CA VAL A 228 -12.33 -9.48 2.57
C VAL A 228 -10.86 -9.81 2.82
N MET A 229 -9.95 -8.88 2.53
CA MET A 229 -8.52 -9.15 2.62
C MET A 229 -7.97 -8.72 3.96
N VAL A 230 -8.35 -7.50 4.37
CA VAL A 230 -8.14 -7.02 5.73
C VAL A 230 -9.52 -6.71 6.31
N PRO A 231 -10.15 -7.71 6.96
CA PRO A 231 -11.54 -7.61 7.39
C PRO A 231 -11.75 -6.46 8.34
N VAL A 232 -12.95 -5.89 8.31
CA VAL A 232 -13.23 -4.68 9.07
C VAL A 232 -12.90 -4.80 10.55
N ARG A 233 -13.10 -5.98 11.16
CA ARG A 233 -12.72 -6.19 12.58
C ARG A 233 -11.25 -6.01 12.82
N LYS A 234 -10.42 -6.34 11.85
CA LYS A 234 -8.98 -6.02 11.95
C LYS A 234 -8.70 -4.53 11.88
N VAL A 235 -9.40 -3.85 10.99
CA VAL A 235 -9.29 -2.40 10.96
C VAL A 235 -9.78 -1.80 12.27
N ILE A 236 -10.89 -2.31 12.80
CA ILE A 236 -11.41 -1.85 14.10
C ILE A 236 -10.41 -2.08 15.21
N ASP A 237 -9.79 -3.28 15.26
CA ASP A 237 -8.71 -3.46 16.25
C ASP A 237 -7.60 -2.45 16.12
N GLN A 238 -7.30 -2.03 14.91
CA GLN A 238 -6.23 -1.03 14.74
C GLN A 238 -6.63 0.28 15.36
N ILE A 239 -7.89 0.64 15.15
CA ILE A 239 -8.43 1.89 15.70
C ILE A 239 -8.32 1.87 17.22
N LEU A 240 -8.69 0.73 17.81
CA LEU A 240 -8.67 0.57 19.29
C LEU A 240 -7.27 0.41 19.85
N ALA A 241 -6.38 -0.21 19.10
CA ALA A 241 -5.03 -0.46 19.59
C ALA A 241 -4.14 0.77 19.50
N ILE A 242 -4.52 1.75 18.67
CA ILE A 242 -3.73 2.95 18.52
C ILE A 242 -4.47 4.08 19.21
N PRO A 243 -4.03 4.46 20.40
CA PRO A 243 -4.79 5.43 21.19
C PRO A 243 -5.24 6.63 20.37
N GLN A 244 -4.30 7.31 19.72
CA GLN A 244 -4.62 8.54 18.96
C GLN A 244 -5.35 8.36 17.63
N ALA A 245 -5.60 7.14 17.19
CA ALA A 245 -6.19 6.94 15.87
C ALA A 245 -7.60 7.48 15.72
N ILE A 246 -7.84 8.27 14.67
CA ILE A 246 -9.18 8.53 14.17
C ILE A 246 -9.56 7.29 13.43
N GLY A 247 -10.84 6.92 13.43
CA GLY A 247 -11.30 5.75 12.69
C GLY A 247 -12.40 6.17 11.74
N HIS A 248 -12.42 5.58 10.55
CA HIS A 248 -13.46 5.84 9.59
C HIS A 248 -13.75 4.62 8.76
N VAL A 249 -14.99 4.17 8.76
CA VAL A 249 -15.38 2.95 8.10
C VAL A 249 -16.34 3.30 7.02
N PHE A 250 -16.08 2.75 5.84
CA PHE A 250 -16.81 3.05 4.63
C PHE A 250 -17.77 1.91 4.33
N PRO A 251 -19.07 2.20 4.20
CA PRO A 251 -20.02 1.17 3.81
C PRO A 251 -19.97 0.88 2.31
N ASN A 252 -20.57 -0.25 1.92
CA ASN A 252 -20.68 -0.67 0.52
C ASN A 252 -19.31 -0.52 -0.20
N CYS A 253 -18.28 -1.06 0.47
CA CYS A 253 -16.93 -0.79 0.09
C CYS A 253 -15.99 -1.91 0.47
N GLY A 254 -15.24 -2.37 -0.52
CA GLY A 254 -14.31 -3.46 -0.33
C GLY A 254 -12.97 -2.89 0.05
N HIS A 255 -11.94 -3.70 -0.17
CA HIS A 255 -10.60 -3.30 0.22
C HIS A 255 -10.13 -1.98 -0.40
N TRP A 256 -10.43 -1.81 -1.68
CA TRP A 256 -9.89 -0.66 -2.47
C TRP A 256 -10.67 0.65 -2.21
N VAL A 257 -10.55 1.17 -1.00
CA VAL A 257 -11.26 2.38 -0.58
C VAL A 257 -10.96 3.55 -1.56
N MET A 258 -9.66 3.76 -1.84
CA MET A 258 -9.17 4.84 -2.68
C MET A 258 -9.68 4.82 -4.13
N ILE A 259 -10.05 3.64 -4.63
CA ILE A 259 -10.60 3.50 -5.96
C ILE A 259 -12.13 3.42 -5.97
N GLU A 260 -12.74 2.78 -4.99
CA GLU A 260 -14.18 2.72 -4.95
C GLU A 260 -14.86 4.05 -4.57
N TYR A 261 -14.21 4.82 -3.69
CA TYR A 261 -14.72 6.11 -3.21
C TYR A 261 -13.56 7.10 -3.20
N PRO A 262 -13.05 7.44 -4.39
CA PRO A 262 -11.85 8.29 -4.48
C PRO A 262 -12.00 9.68 -3.87
N GLU A 263 -13.16 10.32 -4.05
CA GLU A 263 -13.39 11.66 -3.49
C GLU A 263 -13.46 11.58 -1.97
N GLU A 264 -14.28 10.67 -1.45
CA GLU A 264 -14.39 10.53 0.02
C GLU A 264 -13.01 10.22 0.68
N PHE A 265 -12.25 9.30 0.08
CA PHE A 265 -10.90 8.99 0.51
C PHE A 265 -10.01 10.19 0.53
N CYS A 266 -10.00 10.92 -0.58
CA CYS A 266 -9.21 12.16 -0.65
C CYS A 266 -9.68 13.23 0.33
N THR A 267 -10.99 13.41 0.39
CA THR A 267 -11.59 14.36 1.35
C THR A 267 -11.14 14.06 2.78
N GLN A 268 -11.42 12.85 3.24
CA GLN A 268 -11.09 12.48 4.62
C GLN A 268 -9.59 12.59 4.93
N THR A 269 -8.73 12.17 3.99
CA THR A 269 -7.29 12.25 4.23
C THR A 269 -6.78 13.69 4.21
N LEU A 270 -7.27 14.48 3.26
CA LEU A 270 -6.80 15.88 3.13
C LEU A 270 -7.26 16.68 4.30
N HIS A 271 -8.46 16.37 4.76
CA HIS A 271 -8.98 17.02 5.96
C HIS A 271 -8.07 16.68 7.14
N PHE A 272 -7.75 15.40 7.29
CA PHE A 272 -6.86 14.97 8.37
C PHE A 272 -5.45 15.62 8.25
N PHE A 273 -4.98 15.87 7.01
CA PHE A 273 -3.70 16.56 6.79
C PHE A 273 -3.78 18.08 7.01
N GLY A 274 -4.94 18.60 7.34
CA GLY A 274 -5.09 20.03 7.49
C GLY A 274 -5.19 20.82 6.19
N LYS A 275 -5.61 20.20 5.10
CA LYS A 275 -5.75 20.90 3.82
C LYS A 275 -7.19 21.24 3.40
N LEU A 276 -8.14 21.28 4.34
CA LEU A 276 -9.53 21.63 3.98
C LEU A 276 -10.26 22.44 5.07
CB3 HPK B . -2.00 -10.42 2.27
CB4 HPK B . -2.98 -10.33 3.26
CB5 HPK B . -3.80 -9.23 3.27
CB6 HPK B . -3.66 -8.23 2.29
CB1 HPK B . -2.67 -8.31 1.31
CB2 HPK B . -1.86 -9.43 1.30
CA6 HPK B . -2.55 -7.22 0.26
OA4 HPK B . -1.58 -6.44 0.15
CA5 HPK B . -3.73 -7.16 -0.66
CA4 HPK B . -4.12 -5.79 -1.16
CA3 HPK B . -3.77 -5.48 -2.39
CA2 HPK B . -4.09 -4.22 -3.09
OA3 HPK B . -4.74 -3.27 -2.69
CA1 HPK B . -3.58 -4.16 -4.43
OA2 HPK B . -3.91 -3.17 -5.10
OA1 HPK B . -2.85 -5.12 -4.82
#